data_4M3Q
#
_entry.id   4M3Q
#
_cell.length_a   50.924
_cell.length_b   91.120
_cell.length_c   69.699
_cell.angle_alpha   90.00
_cell.angle_beta   99.81
_cell.angle_gamma   90.00
#
_symmetry.space_group_name_H-M   'P 1 21 1'
#
loop_
_entity.id
_entity.type
_entity.pdbx_description
1 polymer 'Tyrosine-protein kinase Mer'
2 non-polymer 'CHLORIDE ION'
3 non-polymer 'MAGNESIUM ION'
4 non-polymer trans-4-{[2-(butylamino)-5-(pyridin-2-yl)pyrimidin-4-yl]amino}cyclohexanol
5 water water
#
_entity_poly.entity_id   1
_entity_poly.type   'polypeptide(L)'
_entity_poly.pdbx_seq_one_letter_code
;MGSSHHHHHHSSGLVPRGSEELQNKLEDVVIDRNLLILGKILGEGEFGSVMEGNLKQEDGTSLKVAVKTMKLDNSSQREI
EEFLSEAACMKDFSHPNVIRLLGVCIEMSSQGIPKPMVILPFMKYGDLHTYLLYSRLETGPKHIPLQTLLKFMVDIALGM
EYLSNRNFLHRDLAARNCMLRDDMTVCVADFGLSKKIYSGDYYRQGRIAKMPVKWIAIESLADRVYTSKSDVWAFGVTMW
EIATRGMTPYPGVQNHEMYDYLLHGHRLKQPEDCLDELYEIMYSCWRTDPLDRPTFSVLRLQLEKLLESLPDV
;
_entity_poly.pdbx_strand_id   A,B
#
loop_
_chem_comp.id
_chem_comp.type
_chem_comp.name
_chem_comp.formula
24K non-polymer trans-4-{[2-(butylamino)-5-(pyridin-2-yl)pyrimidin-4-yl]amino}cyclohexanol 'C19 H27 N5 O'
CL non-polymer 'CHLORIDE ION' 'Cl -1'
MG non-polymer 'MAGNESIUM ION' 'Mg 2'
#
# COMPACT_ATOMS: atom_id res chain seq x y z
N GLU A 27 34.67 6.97 19.53
CA GLU A 27 34.62 7.74 20.77
C GLU A 27 34.52 9.23 20.49
N ASP A 28 35.11 9.66 19.38
CA ASP A 28 35.10 11.07 18.99
C ASP A 28 33.70 11.49 18.54
N VAL A 29 32.81 10.51 18.40
CA VAL A 29 31.45 10.73 17.96
C VAL A 29 30.49 10.92 19.15
N VAL A 30 30.85 10.37 20.31
CA VAL A 30 29.97 10.40 21.47
C VAL A 30 29.67 11.82 21.95
N ILE A 31 28.45 11.99 22.45
CA ILE A 31 27.98 13.26 23.02
C ILE A 31 27.50 13.05 24.45
N ASP A 32 27.65 14.08 25.29
CA ASP A 32 27.10 14.02 26.64
C ASP A 32 25.59 14.13 26.57
N ARG A 33 24.88 13.20 27.20
CA ARG A 33 23.43 13.14 27.11
C ARG A 33 22.76 14.42 27.59
N ASN A 34 23.44 15.15 28.47
CA ASN A 34 22.85 16.36 29.05
C ASN A 34 22.58 17.45 28.01
N LEU A 35 23.08 17.24 26.80
CA LEU A 35 22.81 18.14 25.69
C LEU A 35 21.62 17.62 24.86
N LEU A 36 20.98 16.55 25.34
CA LEU A 36 19.91 15.90 24.59
C LEU A 36 18.59 15.83 25.36
N ILE A 37 17.51 16.15 24.67
CA ILE A 37 16.15 16.07 25.21
C ILE A 37 15.25 15.31 24.25
N LEU A 38 14.65 14.22 24.71
CA LEU A 38 13.76 13.41 23.87
C LEU A 38 12.30 13.85 23.99
N GLY A 39 11.52 13.59 22.95
CA GLY A 39 10.11 13.95 22.93
C GLY A 39 9.23 12.84 22.39
N LYS A 40 8.30 13.22 21.52
CA LYS A 40 7.37 12.28 20.90
C LYS A 40 8.06 11.19 20.09
N ILE A 41 7.30 10.15 19.75
CA ILE A 41 7.76 9.14 18.80
C ILE A 41 7.39 9.54 17.37
N LEU A 42 8.37 9.44 16.48
CA LEU A 42 8.19 9.83 15.08
C LEU A 42 7.82 8.62 14.24
N GLY A 43 8.42 7.47 14.58
CA GLY A 43 8.14 6.24 13.88
C GLY A 43 8.78 5.06 14.58
N GLU A 44 8.52 3.86 14.06
CA GLU A 44 9.08 2.64 14.61
C GLU A 44 10.25 2.17 13.74
N GLY A 45 11.37 1.86 14.39
CA GLY A 45 12.58 1.44 13.69
C GLY A 45 12.90 -0.03 13.94
N GLU A 46 14.06 -0.45 13.45
CA GLU A 46 14.47 -1.86 13.51
C GLU A 46 14.63 -2.35 14.96
N PHE A 47 15.64 -1.83 15.65
CA PHE A 47 15.96 -2.27 17.00
C PHE A 47 15.22 -1.45 18.06
N GLY A 48 14.32 -0.59 17.63
CA GLY A 48 13.54 0.22 18.57
C GLY A 48 12.85 1.40 17.91
N SER A 49 12.22 2.23 18.75
CA SER A 49 11.46 3.37 18.26
C SER A 49 12.35 4.59 18.04
N VAL A 50 11.91 5.46 17.13
CA VAL A 50 12.62 6.68 16.80
C VAL A 50 11.91 7.86 17.47
N MET A 51 12.67 8.62 18.25
CA MET A 51 12.12 9.73 19.02
C MET A 51 12.65 11.06 18.49
N GLU A 52 11.77 12.05 18.43
CA GLU A 52 12.18 13.42 18.16
C GLU A 52 12.95 13.93 19.35
N GLY A 53 13.78 14.93 19.16
CA GLY A 53 14.50 15.53 20.27
C GLY A 53 15.20 16.83 19.95
N ASN A 54 15.75 17.44 21.00
CA ASN A 54 16.52 18.66 20.87
C ASN A 54 17.98 18.37 21.25
N LEU A 55 18.89 18.71 20.34
CA LEU A 55 20.32 18.61 20.61
C LEU A 55 20.90 20.00 20.83
N LYS A 56 21.50 20.20 22.00
CA LYS A 56 22.15 21.47 22.31
C LYS A 56 23.52 21.48 21.64
N GLN A 57 23.66 22.31 20.62
CA GLN A 57 24.89 22.33 19.82
C GLN A 57 26.02 23.06 20.52
N GLU A 58 27.23 22.92 19.97
CA GLU A 58 28.42 23.55 20.52
C GLU A 58 28.25 25.07 20.65
N ASP A 59 27.61 25.68 19.67
CA ASP A 59 27.47 27.13 19.62
C ASP A 59 26.42 27.62 20.62
N GLY A 60 25.87 26.72 21.43
CA GLY A 60 24.94 27.09 22.48
C GLY A 60 23.49 26.98 22.05
N THR A 61 23.23 27.02 20.75
CA THR A 61 21.87 26.93 20.23
C THR A 61 21.31 25.53 20.39
N SER A 62 20.03 25.38 20.09
CA SER A 62 19.36 24.07 20.14
C SER A 62 18.95 23.65 18.73
N LEU A 63 19.16 22.37 18.42
CA LEU A 63 18.85 21.84 17.10
C LEU A 63 17.85 20.69 17.18
N LYS A 64 16.81 20.76 16.34
CA LYS A 64 15.84 19.67 16.26
C LYS A 64 16.49 18.47 15.59
N VAL A 65 16.42 17.32 16.26
CA VAL A 65 17.06 16.10 15.79
C VAL A 65 16.14 14.89 15.87
N ALA A 66 16.59 13.78 15.31
CA ALA A 66 15.90 12.50 15.44
C ALA A 66 16.84 11.50 16.09
N VAL A 67 16.30 10.74 17.04
CA VAL A 67 17.09 9.82 17.86
C VAL A 67 16.61 8.39 17.68
N LYS A 68 17.46 7.53 17.12
CA LYS A 68 17.15 6.12 17.08
C LYS A 68 17.46 5.56 18.46
N THR A 69 16.53 4.77 19.01
CA THR A 69 16.66 4.25 20.36
C THR A 69 16.68 2.72 20.37
N CYS A 89 30.48 4.10 11.45
CA CYS A 89 30.49 3.79 10.03
C CYS A 89 29.87 4.93 9.21
N MET A 90 29.00 5.71 9.85
CA MET A 90 28.32 6.81 9.20
C MET A 90 29.10 8.12 9.29
N LYS A 91 29.83 8.30 10.39
CA LYS A 91 30.56 9.55 10.60
C LYS A 91 31.61 9.79 9.52
N ASP A 92 32.07 8.71 8.88
CA ASP A 92 33.06 8.85 7.81
C ASP A 92 32.40 9.30 6.51
N PHE A 93 31.06 9.18 6.44
CA PHE A 93 30.32 9.63 5.27
C PHE A 93 30.12 11.15 5.28
N SER A 94 30.23 11.75 4.11
CA SER A 94 30.02 13.18 3.96
C SER A 94 29.53 13.48 2.55
N HIS A 95 28.22 13.65 2.41
CA HIS A 95 27.61 13.87 1.11
C HIS A 95 26.19 14.42 1.30
N PRO A 96 25.81 15.47 0.55
CA PRO A 96 24.50 16.08 0.77
C PRO A 96 23.32 15.12 0.58
N ASN A 97 23.48 14.12 -0.28
CA ASN A 97 22.43 13.13 -0.52
C ASN A 97 22.62 11.85 0.28
N VAL A 98 23.38 11.96 1.37
CA VAL A 98 23.60 10.85 2.28
C VAL A 98 23.43 11.39 3.70
N ILE A 99 22.63 10.69 4.50
CA ILE A 99 22.31 11.17 5.84
C ILE A 99 23.58 11.30 6.70
N ARG A 100 23.68 12.44 7.38
CA ARG A 100 24.81 12.72 8.24
C ARG A 100 24.52 12.23 9.66
N LEU A 101 25.58 11.91 10.40
CA LEU A 101 25.44 11.53 11.80
C LEU A 101 25.85 12.71 12.68
N LEU A 102 24.97 13.10 13.59
CA LEU A 102 25.21 14.24 14.46
C LEU A 102 25.96 13.83 15.71
N GLY A 103 25.90 12.52 16.02
CA GLY A 103 26.60 11.97 17.16
C GLY A 103 25.89 10.78 17.77
N VAL A 104 26.35 10.36 18.94
CA VAL A 104 25.81 9.18 19.61
C VAL A 104 25.74 9.43 21.11
N CYS A 105 24.70 8.89 21.75
CA CYS A 105 24.56 8.95 23.20
C CYS A 105 24.31 7.56 23.77
N ILE A 106 24.83 7.32 24.97
CA ILE A 106 24.68 6.04 25.64
C ILE A 106 24.09 6.26 27.03
N GLU A 107 22.79 6.53 27.10
CA GLU A 107 22.14 6.79 28.38
C GLU A 107 22.10 5.50 29.20
N MET A 108 22.51 5.59 30.46
CA MET A 108 22.46 4.46 31.37
C MET A 108 21.09 4.39 32.03
N SER A 109 20.61 3.17 32.24
CA SER A 109 19.28 2.97 32.80
C SER A 109 19.34 2.96 34.33
N SER A 110 18.19 2.70 34.94
CA SER A 110 18.09 2.65 36.39
C SER A 110 18.84 1.44 36.94
N GLN A 111 18.79 0.34 36.22
CA GLN A 111 19.47 -0.89 36.61
C GLN A 111 20.91 -0.93 36.11
N GLY A 112 21.23 -0.03 35.18
CA GLY A 112 22.58 0.08 34.65
C GLY A 112 22.74 -0.55 33.28
N ILE A 113 21.69 -1.16 32.77
CA ILE A 113 21.73 -1.74 31.43
C ILE A 113 21.86 -0.58 30.43
N PRO A 114 22.78 -0.69 29.46
CA PRO A 114 23.00 0.44 28.55
C PRO A 114 21.88 0.64 27.53
N LYS A 115 21.61 1.90 27.20
CA LYS A 115 20.62 2.26 26.19
C LYS A 115 21.26 3.17 25.13
N PRO A 116 21.85 2.59 24.08
CA PRO A 116 22.54 3.43 23.10
C PRO A 116 21.56 4.24 22.26
N MET A 117 22.03 5.38 21.72
CA MET A 117 21.18 6.24 20.90
C MET A 117 21.97 6.94 19.80
N VAL A 118 21.51 6.81 18.56
CA VAL A 118 22.16 7.45 17.42
C VAL A 118 21.42 8.74 17.08
N ILE A 119 22.14 9.86 17.12
CA ILE A 119 21.54 11.17 16.84
C ILE A 119 21.63 11.49 15.36
N LEU A 120 20.48 11.71 14.73
CA LEU A 120 20.40 12.05 13.32
C LEU A 120 19.58 13.32 13.12
N PRO A 121 19.71 13.94 11.93
CA PRO A 121 18.94 15.16 11.64
C PRO A 121 17.45 14.91 11.57
N PHE A 122 16.66 15.95 11.85
CA PHE A 122 15.22 15.90 11.68
C PHE A 122 14.85 16.36 10.28
N MET A 123 13.86 15.70 9.69
CA MET A 123 13.40 16.01 8.34
C MET A 123 11.87 16.06 8.35
N LYS A 124 11.32 17.26 8.42
CA LYS A 124 9.88 17.41 8.63
C LYS A 124 9.06 16.72 7.56
N TYR A 125 9.62 16.59 6.36
CA TYR A 125 8.90 15.95 5.27
C TYR A 125 8.95 14.42 5.36
N GLY A 126 9.78 13.90 6.26
CA GLY A 126 9.75 12.49 6.58
C GLY A 126 10.18 11.57 5.44
N ASP A 127 9.92 10.28 5.61
CA ASP A 127 10.31 9.29 4.61
C ASP A 127 9.63 9.60 3.29
N LEU A 128 10.28 9.21 2.19
CA LEU A 128 9.80 9.57 0.87
C LEU A 128 8.60 8.74 0.44
N HIS A 129 8.49 7.52 0.96
CA HIS A 129 7.38 6.64 0.61
C HIS A 129 6.05 7.24 1.06
N THR A 130 5.97 7.62 2.32
CA THR A 130 4.75 8.19 2.88
C THR A 130 4.45 9.55 2.23
N TYR A 131 5.50 10.22 1.76
CA TYR A 131 5.35 11.51 1.12
C TYR A 131 4.66 11.39 -0.25
N LEU A 132 4.99 10.32 -0.97
CA LEU A 132 4.39 10.06 -2.28
C LEU A 132 2.90 9.81 -2.16
N LEU A 133 2.51 9.12 -1.10
CA LEU A 133 1.10 8.81 -0.85
C LEU A 133 0.32 10.07 -0.47
N TYR A 134 0.91 10.92 0.35
CA TYR A 134 0.27 12.17 0.75
C TYR A 134 -0.01 13.08 -0.45
N SER A 135 0.92 13.09 -1.41
CA SER A 135 0.85 14.03 -2.52
C SER A 135 -0.38 13.83 -3.40
N ARG A 136 -0.90 12.60 -3.41
CA ARG A 136 -2.06 12.27 -4.23
C ARG A 136 -3.35 12.41 -3.43
N LEU A 137 -3.27 13.19 -2.35
CA LEU A 137 -4.43 13.51 -1.53
C LEU A 137 -4.51 15.01 -1.27
N GLU A 138 -5.72 15.49 -1.00
CA GLU A 138 -5.90 16.89 -0.60
C GLU A 138 -5.25 17.07 0.77
N THR A 139 -5.07 18.32 1.19
CA THR A 139 -4.39 18.66 2.44
C THR A 139 -2.89 18.36 2.38
N GLY A 140 -2.53 17.20 1.83
CA GLY A 140 -1.14 16.84 1.64
C GLY A 140 -0.48 17.68 0.56
N PRO A 141 0.83 17.49 0.35
CA PRO A 141 1.64 18.22 -0.63
C PRO A 141 1.00 18.25 -2.01
N LYS A 142 1.29 19.30 -2.78
CA LYS A 142 0.72 19.45 -4.12
C LYS A 142 1.17 18.29 -5.01
N HIS A 143 0.38 18.01 -6.05
CA HIS A 143 0.73 16.99 -7.03
C HIS A 143 2.16 17.12 -7.53
N ILE A 144 2.97 16.10 -7.27
CA ILE A 144 4.38 16.11 -7.65
C ILE A 144 4.53 15.94 -9.16
N PRO A 145 5.12 16.94 -9.85
CA PRO A 145 5.33 16.79 -11.30
C PRO A 145 6.36 15.72 -11.65
N LEU A 146 6.48 15.40 -12.93
CA LEU A 146 7.43 14.39 -13.39
C LEU A 146 8.87 14.84 -13.12
N GLN A 147 9.12 16.13 -13.29
CA GLN A 147 10.47 16.67 -13.17
C GLN A 147 10.95 16.54 -11.73
N THR A 148 10.07 16.83 -10.79
CA THR A 148 10.39 16.73 -9.37
C THR A 148 10.64 15.29 -8.98
N LEU A 149 9.87 14.37 -9.57
CA LEU A 149 10.04 12.95 -9.30
C LEU A 149 11.42 12.48 -9.76
N LEU A 150 11.89 13.03 -10.87
CA LEU A 150 13.22 12.70 -11.37
C LEU A 150 14.28 13.25 -10.43
N LYS A 151 14.04 14.43 -9.88
CA LYS A 151 14.98 15.05 -8.95
C LYS A 151 15.18 14.17 -7.73
N PHE A 152 14.12 13.48 -7.31
CA PHE A 152 14.23 12.51 -6.24
C PHE A 152 15.15 11.38 -6.66
N MET A 153 14.89 10.83 -7.85
CA MET A 153 15.70 9.74 -8.38
C MET A 153 17.17 10.13 -8.52
N VAL A 154 17.42 11.32 -9.04
CA VAL A 154 18.78 11.82 -9.21
C VAL A 154 19.48 11.96 -7.87
N ASP A 155 18.81 12.55 -6.89
CA ASP A 155 19.38 12.71 -5.55
C ASP A 155 19.80 11.37 -4.98
N ILE A 156 18.91 10.39 -5.05
CA ILE A 156 19.19 9.04 -4.58
C ILE A 156 20.35 8.46 -5.38
N ALA A 157 20.34 8.68 -6.68
CA ALA A 157 21.41 8.22 -7.57
C ALA A 157 22.75 8.84 -7.17
N LEU A 158 22.74 10.14 -6.92
CA LEU A 158 23.94 10.85 -6.47
C LEU A 158 24.45 10.31 -5.14
N GLY A 159 23.51 9.99 -4.24
CA GLY A 159 23.87 9.48 -2.93
C GLY A 159 24.46 8.08 -2.99
N MET A 160 23.91 7.23 -3.85
CA MET A 160 24.40 5.87 -3.99
C MET A 160 25.71 5.84 -4.75
N GLU A 161 25.90 6.81 -5.63
CA GLU A 161 27.15 6.95 -6.36
C GLU A 161 28.29 7.20 -5.37
N TYR A 162 28.00 7.98 -4.33
CA TYR A 162 28.97 8.26 -3.29
C TYR A 162 29.36 7.01 -2.52
N LEU A 163 28.35 6.29 -2.03
CA LEU A 163 28.58 5.10 -1.23
C LEU A 163 29.21 3.97 -2.04
N SER A 164 28.94 3.95 -3.34
CA SER A 164 29.44 2.89 -4.21
C SER A 164 30.90 3.15 -4.57
N ASN A 165 31.30 4.41 -4.59
CA ASN A 165 32.70 4.77 -4.82
C ASN A 165 33.57 4.39 -3.63
N ARG A 166 32.97 4.44 -2.44
CA ARG A 166 33.65 4.00 -1.22
C ARG A 166 33.43 2.51 -1.00
N ASN A 167 32.85 1.85 -2.01
CA ASN A 167 32.59 0.42 -1.98
C ASN A 167 31.77 0.02 -0.76
N PHE A 168 30.78 0.85 -0.44
CA PHE A 168 29.86 0.57 0.66
C PHE A 168 28.51 0.14 0.12
N LEU A 169 28.01 -0.99 0.62
CA LEU A 169 26.73 -1.53 0.18
C LEU A 169 25.60 -1.07 1.09
N HIS A 170 24.49 -0.65 0.51
CA HIS A 170 23.33 -0.17 1.27
C HIS A 170 22.56 -1.34 1.87
N ARG A 171 22.27 -2.33 1.04
CA ARG A 171 21.63 -3.58 1.45
C ARG A 171 20.17 -3.43 1.91
N ASP A 172 19.57 -2.26 1.70
CA ASP A 172 18.17 -2.06 2.08
C ASP A 172 17.58 -0.79 1.46
N LEU A 173 17.93 -0.52 0.21
CA LEU A 173 17.45 0.68 -0.46
C LEU A 173 15.97 0.53 -0.85
N ALA A 174 15.16 1.50 -0.43
CA ALA A 174 13.76 1.54 -0.80
C ALA A 174 13.20 2.93 -0.50
N ALA A 175 12.09 3.29 -1.15
CA ALA A 175 11.53 4.62 -1.00
C ALA A 175 11.23 4.96 0.46
N ARG A 176 10.99 3.94 1.28
CA ARG A 176 10.72 4.13 2.69
C ARG A 176 11.98 4.55 3.47
N ASN A 177 13.15 4.21 2.92
CA ASN A 177 14.42 4.52 3.58
C ASN A 177 15.10 5.77 3.00
N CYS A 178 14.35 6.56 2.25
CA CYS A 178 14.83 7.82 1.70
C CYS A 178 14.07 8.99 2.34
N MET A 179 14.82 9.92 2.94
CA MET A 179 14.21 11.04 3.67
C MET A 179 14.23 12.32 2.85
N LEU A 180 13.22 13.17 3.05
CA LEU A 180 13.13 14.46 2.38
C LEU A 180 13.58 15.60 3.29
N ARG A 181 14.69 16.23 2.94
CA ARG A 181 15.20 17.37 3.69
C ARG A 181 14.24 18.56 3.53
N ASP A 182 14.46 19.61 4.32
CA ASP A 182 13.58 20.78 4.30
C ASP A 182 13.63 21.51 2.97
N ASP A 183 14.69 21.27 2.20
CA ASP A 183 14.86 21.87 0.88
C ASP A 183 14.34 20.93 -0.21
N MET A 184 13.56 19.93 0.22
CA MET A 184 12.97 18.95 -0.69
C MET A 184 14.01 18.17 -1.49
N THR A 185 15.23 18.07 -0.96
CA THR A 185 16.22 17.16 -1.52
C THR A 185 16.21 15.87 -0.73
N VAL A 186 16.52 14.76 -1.40
CA VAL A 186 16.48 13.43 -0.78
C VAL A 186 17.84 12.99 -0.27
N CYS A 187 17.84 12.23 0.82
CA CYS A 187 19.06 11.58 1.30
C CYS A 187 18.77 10.14 1.67
N VAL A 188 19.74 9.26 1.42
CA VAL A 188 19.60 7.84 1.76
C VAL A 188 19.90 7.59 3.24
N ALA A 189 19.27 6.57 3.81
CA ALA A 189 19.45 6.22 5.21
C ALA A 189 19.10 4.76 5.47
N ASP A 190 19.26 4.32 6.72
CA ASP A 190 18.90 2.96 7.13
C ASP A 190 19.68 1.90 6.36
N PHE A 191 21.01 1.92 6.54
CA PHE A 191 21.88 0.87 6.01
C PHE A 191 22.64 0.19 7.13
N PRO A 212 10.68 -7.47 2.75
CA PRO A 212 11.88 -6.96 2.06
C PRO A 212 12.18 -7.71 0.77
N VAL A 213 11.45 -8.79 0.52
CA VAL A 213 11.74 -9.69 -0.59
C VAL A 213 11.62 -9.01 -1.95
N LYS A 214 10.63 -8.12 -2.09
CA LYS A 214 10.34 -7.52 -3.39
C LYS A 214 11.35 -6.42 -3.77
N TRP A 215 12.39 -6.27 -2.95
CA TRP A 215 13.48 -5.33 -3.25
C TRP A 215 14.80 -6.05 -3.47
N ILE A 216 14.88 -7.30 -3.03
CA ILE A 216 16.11 -8.08 -3.14
C ILE A 216 16.33 -8.56 -4.56
N ALA A 217 17.58 -8.54 -5.01
CA ALA A 217 17.93 -8.97 -6.36
C ALA A 217 17.91 -10.49 -6.47
N ILE A 218 17.59 -10.99 -7.66
CA ILE A 218 17.40 -12.42 -7.87
C ILE A 218 18.63 -13.27 -7.52
N GLU A 219 19.81 -12.74 -7.78
CA GLU A 219 21.04 -13.48 -7.47
C GLU A 219 21.25 -13.58 -5.97
N SER A 220 20.73 -12.60 -5.24
CA SER A 220 20.88 -12.56 -3.79
C SER A 220 19.85 -13.45 -3.09
N LEU A 221 18.88 -13.95 -3.85
CA LEU A 221 17.89 -14.88 -3.32
C LEU A 221 18.41 -16.32 -3.40
N ARG A 224 22.59 -16.40 -1.81
CA ARG A 224 22.69 -15.31 -0.84
C ARG A 224 24.00 -14.54 -0.99
N VAL A 225 24.17 -13.90 -2.15
CA VAL A 225 25.34 -13.09 -2.43
C VAL A 225 24.89 -11.66 -2.70
N TYR A 226 25.66 -10.68 -2.23
CA TYR A 226 25.31 -9.28 -2.40
C TYR A 226 26.49 -8.41 -2.83
N THR A 227 26.24 -7.58 -3.84
CA THR A 227 27.24 -6.66 -4.38
C THR A 227 26.61 -5.28 -4.59
N SER A 228 27.36 -4.38 -5.20
CA SER A 228 26.85 -3.04 -5.49
C SER A 228 25.75 -3.10 -6.56
N LYS A 229 25.84 -4.11 -7.43
CA LYS A 229 24.86 -4.26 -8.51
C LYS A 229 23.50 -4.68 -7.95
N SER A 230 23.50 -5.18 -6.71
CA SER A 230 22.25 -5.48 -6.02
C SER A 230 21.60 -4.21 -5.49
N ASP A 231 22.42 -3.24 -5.12
CA ASP A 231 21.91 -1.92 -4.75
C ASP A 231 21.25 -1.27 -5.96
N VAL A 232 21.78 -1.56 -7.15
CA VAL A 232 21.22 -1.04 -8.39
C VAL A 232 19.85 -1.64 -8.64
N TRP A 233 19.69 -2.92 -8.32
CA TRP A 233 18.41 -3.59 -8.43
C TRP A 233 17.38 -2.91 -7.53
N ALA A 234 17.76 -2.68 -6.28
CA ALA A 234 16.87 -2.04 -5.32
C ALA A 234 16.57 -0.61 -5.75
N PHE A 235 17.59 0.04 -6.30
CA PHE A 235 17.42 1.39 -6.84
C PHE A 235 16.39 1.37 -7.96
N GLY A 236 16.43 0.33 -8.78
CA GLY A 236 15.46 0.17 -9.85
C GLY A 236 14.04 0.12 -9.33
N VAL A 237 13.82 -0.70 -8.30
CA VAL A 237 12.52 -0.79 -7.66
C VAL A 237 12.10 0.57 -7.09
N THR A 238 13.03 1.26 -6.45
CA THR A 238 12.74 2.56 -5.85
C THR A 238 12.28 3.54 -6.92
N MET A 239 12.87 3.44 -8.10
CA MET A 239 12.45 4.26 -9.23
C MET A 239 11.00 3.94 -9.60
N TRP A 240 10.65 2.66 -9.46
CA TRP A 240 9.29 2.23 -9.77
C TRP A 240 8.32 2.78 -8.73
N GLU A 241 8.71 2.73 -7.45
CA GLU A 241 7.92 3.30 -6.38
C GLU A 241 7.61 4.78 -6.63
N ILE A 242 8.63 5.50 -7.07
CA ILE A 242 8.52 6.93 -7.31
C ILE A 242 7.63 7.21 -8.51
N ALA A 243 7.84 6.47 -9.60
CA ALA A 243 7.10 6.68 -10.83
C ALA A 243 5.62 6.34 -10.67
N THR A 244 5.30 5.47 -9.71
CA THR A 244 3.91 5.09 -9.42
C THR A 244 3.33 5.88 -8.26
N ARG A 245 4.16 6.71 -7.63
CA ARG A 245 3.74 7.52 -6.49
C ARG A 245 3.25 6.67 -5.31
N GLY A 246 3.98 5.59 -5.00
CA GLY A 246 3.78 4.85 -3.77
C GLY A 246 3.13 3.49 -3.86
N MET A 247 3.08 2.91 -5.06
CA MET A 247 2.56 1.55 -5.22
C MET A 247 3.52 0.53 -4.65
N THR A 248 2.98 -0.60 -4.19
CA THR A 248 3.82 -1.73 -3.80
C THR A 248 4.31 -2.43 -5.07
N PRO A 249 5.58 -2.89 -5.07
CA PRO A 249 6.06 -3.62 -6.24
C PRO A 249 5.30 -4.92 -6.49
N TYR A 250 5.20 -5.30 -7.76
CA TYR A 250 4.60 -6.58 -8.15
C TYR A 250 3.19 -6.76 -7.60
N PRO A 251 2.24 -5.90 -8.03
CA PRO A 251 0.84 -6.09 -7.67
C PRO A 251 0.30 -7.40 -8.24
N GLY A 252 -0.42 -8.16 -7.40
CA GLY A 252 -0.94 -9.45 -7.80
C GLY A 252 -0.04 -10.60 -7.39
N VAL A 253 1.26 -10.32 -7.27
CA VAL A 253 2.24 -11.35 -6.90
C VAL A 253 2.52 -11.30 -5.41
N GLN A 254 2.69 -12.49 -4.82
CA GLN A 254 2.91 -12.62 -3.38
C GLN A 254 4.39 -12.88 -3.10
N ASN A 255 4.83 -12.54 -1.89
CA ASN A 255 6.25 -12.60 -1.53
C ASN A 255 6.91 -13.95 -1.80
N HIS A 256 6.15 -15.03 -1.63
CA HIS A 256 6.71 -16.38 -1.76
C HIS A 256 6.83 -16.79 -3.23
N GLU A 257 6.25 -15.98 -4.12
CA GLU A 257 6.25 -16.27 -5.55
C GLU A 257 7.35 -15.52 -6.28
N MET A 258 8.08 -14.67 -5.55
CA MET A 258 9.00 -13.73 -6.19
C MET A 258 10.15 -14.38 -6.94
N TYR A 259 10.79 -15.38 -6.34
CA TYR A 259 11.94 -16.01 -7.00
C TYR A 259 11.49 -16.64 -8.31
N ASP A 260 10.46 -17.48 -8.25
CA ASP A 260 9.91 -18.13 -9.43
C ASP A 260 9.48 -17.10 -10.46
N TYR A 261 8.80 -16.05 -9.98
CA TYR A 261 8.32 -14.98 -10.85
C TYR A 261 9.48 -14.32 -11.61
N LEU A 262 10.54 -13.98 -10.88
CA LEU A 262 11.71 -13.35 -11.48
C LEU A 262 12.48 -14.34 -12.35
N LEU A 263 12.62 -15.57 -11.86
CA LEU A 263 13.38 -16.59 -12.57
C LEU A 263 12.81 -16.86 -13.96
N HIS A 264 11.48 -16.82 -14.07
CA HIS A 264 10.82 -17.04 -15.35
C HIS A 264 10.88 -15.80 -16.25
N GLY A 265 11.66 -14.80 -15.84
CA GLY A 265 11.99 -13.66 -16.68
C GLY A 265 11.11 -12.45 -16.48
N HIS A 266 10.06 -12.57 -15.66
CA HIS A 266 9.16 -11.45 -15.43
C HIS A 266 9.79 -10.39 -14.53
N ARG A 267 9.56 -9.13 -14.88
CA ARG A 267 10.05 -8.00 -14.11
C ARG A 267 8.90 -7.03 -13.84
N LEU A 268 9.19 -5.96 -13.12
CA LEU A 268 8.18 -4.95 -12.83
C LEU A 268 7.64 -4.34 -14.12
N LYS A 269 6.32 -4.19 -14.19
CA LYS A 269 5.66 -3.68 -15.38
C LYS A 269 5.83 -2.16 -15.45
N GLN A 270 5.67 -1.61 -16.66
CA GLN A 270 5.82 -0.19 -16.88
C GLN A 270 4.60 0.57 -16.34
N PRO A 271 4.83 1.62 -15.53
CA PRO A 271 3.71 2.43 -15.04
C PRO A 271 2.91 3.11 -16.16
N GLU A 272 1.68 3.52 -15.85
CA GLU A 272 0.75 4.07 -16.83
C GLU A 272 1.34 5.22 -17.66
N ASP A 273 1.68 6.31 -16.99
CA ASP A 273 2.10 7.53 -17.67
C ASP A 273 3.62 7.71 -17.69
N CYS A 274 4.35 6.65 -17.35
CA CYS A 274 5.80 6.72 -17.31
C CYS A 274 6.40 6.73 -18.72
N LEU A 275 7.54 7.40 -18.88
CA LEU A 275 8.18 7.55 -20.18
C LEU A 275 8.96 6.30 -20.56
N ASP A 276 8.95 5.98 -21.85
CA ASP A 276 9.65 4.80 -22.36
C ASP A 276 11.13 4.83 -22.01
N GLU A 277 11.72 6.02 -22.06
CA GLU A 277 13.15 6.18 -21.82
C GLU A 277 13.45 6.21 -20.33
N LEU A 278 12.41 6.38 -19.51
CA LEU A 278 12.58 6.32 -18.06
C LEU A 278 12.43 4.89 -17.58
N TYR A 279 11.64 4.10 -18.31
CA TYR A 279 11.44 2.70 -17.95
C TYR A 279 12.66 1.86 -18.35
N GLU A 280 13.26 2.21 -19.49
CA GLU A 280 14.47 1.54 -19.95
C GLU A 280 15.58 1.67 -18.91
N ILE A 281 15.69 2.85 -18.30
CA ILE A 281 16.71 3.09 -17.29
C ILE A 281 16.49 2.20 -16.07
N MET A 282 15.25 2.11 -15.60
CA MET A 282 14.94 1.31 -14.41
C MET A 282 14.88 -0.17 -14.76
N TYR A 283 14.63 -0.48 -16.03
CA TYR A 283 14.60 -1.88 -16.46
C TYR A 283 16.02 -2.44 -16.50
N SER A 284 16.97 -1.61 -16.92
CA SER A 284 18.37 -1.99 -16.96
C SER A 284 18.90 -2.35 -15.59
N CYS A 285 18.18 -1.95 -14.55
CA CYS A 285 18.57 -2.26 -13.18
C CYS A 285 18.22 -3.69 -12.79
N TRP A 286 17.38 -4.35 -13.61
CA TRP A 286 16.93 -5.71 -13.28
C TRP A 286 17.38 -6.76 -14.28
N ARG A 287 18.50 -6.51 -14.96
CA ARG A 287 19.08 -7.52 -15.83
C ARG A 287 19.56 -8.69 -14.97
N THR A 288 19.39 -9.90 -15.47
CA THR A 288 19.67 -11.11 -14.69
C THR A 288 21.10 -11.16 -14.19
N ASP A 289 22.04 -10.81 -15.08
CA ASP A 289 23.45 -10.77 -14.72
C ASP A 289 23.77 -9.44 -14.04
N PRO A 290 24.26 -9.48 -12.79
CA PRO A 290 24.61 -8.22 -12.11
C PRO A 290 25.61 -7.38 -12.90
N LEU A 291 26.55 -8.04 -13.56
CA LEU A 291 27.60 -7.33 -14.30
C LEU A 291 27.05 -6.64 -15.55
N ASP A 292 25.86 -7.04 -15.98
CA ASP A 292 25.21 -6.42 -17.12
C ASP A 292 24.48 -5.13 -16.73
N ARG A 293 24.30 -4.93 -15.43
CA ARG A 293 23.59 -3.74 -14.93
C ARG A 293 24.51 -2.52 -14.91
N PRO A 294 23.94 -1.32 -15.09
CA PRO A 294 24.74 -0.10 -15.08
C PRO A 294 25.15 0.34 -13.67
N THR A 295 26.26 1.05 -13.57
CA THR A 295 26.70 1.59 -12.28
C THR A 295 25.85 2.79 -11.91
N PHE A 296 25.98 3.24 -10.66
CA PHE A 296 25.24 4.40 -10.19
C PHE A 296 25.69 5.67 -10.90
N SER A 297 26.94 5.70 -11.36
CA SER A 297 27.44 6.85 -12.08
C SER A 297 26.77 6.97 -13.44
N VAL A 298 26.53 5.83 -14.09
CA VAL A 298 25.84 5.80 -15.36
C VAL A 298 24.36 6.16 -15.16
N LEU A 299 23.77 5.65 -14.09
CA LEU A 299 22.36 5.88 -13.83
C LEU A 299 22.07 7.34 -13.51
N ARG A 300 22.94 7.96 -12.74
CA ARG A 300 22.76 9.35 -12.34
C ARG A 300 22.77 10.27 -13.55
N LEU A 301 23.67 10.00 -14.49
CA LEU A 301 23.82 10.86 -15.67
C LEU A 301 22.66 10.66 -16.64
N GLN A 302 22.17 9.43 -16.73
CA GLN A 302 21.02 9.12 -17.57
C GLN A 302 19.77 9.86 -17.08
N LEU A 303 19.59 9.91 -15.77
CA LEU A 303 18.44 10.58 -15.18
C LEU A 303 18.59 12.09 -15.27
N GLU A 304 19.81 12.57 -15.12
CA GLU A 304 20.10 14.00 -15.23
C GLU A 304 19.87 14.48 -16.66
N LYS A 305 20.17 13.62 -17.62
CA LYS A 305 20.01 13.96 -19.03
C LYS A 305 18.55 13.84 -19.47
N LEU A 306 17.83 12.90 -18.87
CA LEU A 306 16.40 12.77 -19.15
C LEU A 306 15.67 13.98 -18.58
N LEU A 307 16.16 14.47 -17.46
CA LEU A 307 15.54 15.61 -16.78
C LEU A 307 15.75 16.91 -17.56
N GLU A 308 16.89 17.04 -18.23
CA GLU A 308 17.19 18.24 -19.00
C GLU A 308 16.40 18.30 -20.30
N SER A 309 15.94 17.14 -20.76
CA SER A 309 15.21 17.04 -22.02
C SER A 309 13.71 17.26 -21.83
N LEU A 310 13.35 17.99 -20.77
CA LEU A 310 11.96 18.29 -20.47
C LEU A 310 11.71 19.79 -20.52
N LEU B 26 -31.13 -28.39 4.79
CA LEU B 26 -29.72 -28.05 4.67
C LEU B 26 -28.94 -29.17 4.00
N GLU B 27 -29.65 -30.08 3.35
CA GLU B 27 -29.02 -31.17 2.60
C GLU B 27 -29.00 -30.83 1.12
N ASP B 28 -30.01 -30.08 0.68
CA ASP B 28 -30.13 -29.69 -0.72
C ASP B 28 -29.07 -28.65 -1.12
N VAL B 29 -28.36 -28.11 -0.12
CA VAL B 29 -27.32 -27.13 -0.38
C VAL B 29 -25.98 -27.84 -0.53
N VAL B 30 -25.86 -28.98 0.16
CA VAL B 30 -24.64 -29.79 0.12
C VAL B 30 -24.44 -30.35 -1.29
N ILE B 31 -23.19 -30.52 -1.68
CA ILE B 31 -22.85 -31.12 -2.96
C ILE B 31 -22.02 -32.38 -2.69
N ASP B 32 -22.18 -33.37 -3.55
CA ASP B 32 -21.41 -34.61 -3.44
C ASP B 32 -19.96 -34.35 -3.82
N ARG B 33 -19.04 -34.76 -2.94
CA ARG B 33 -17.63 -34.47 -3.13
C ARG B 33 -17.06 -35.02 -4.43
N ASN B 34 -17.62 -36.12 -4.91
CA ASN B 34 -17.13 -36.74 -6.14
C ASN B 34 -17.42 -35.90 -7.39
N LEU B 35 -18.22 -34.85 -7.24
CA LEU B 35 -18.52 -33.94 -8.32
C LEU B 35 -17.58 -32.73 -8.36
N LEU B 36 -16.57 -32.74 -7.50
CA LEU B 36 -15.66 -31.61 -7.36
C LEU B 36 -14.22 -32.00 -7.64
N ILE B 37 -13.53 -31.15 -8.38
CA ILE B 37 -12.12 -31.33 -8.70
C ILE B 37 -11.36 -30.04 -8.39
N LEU B 38 -10.36 -30.13 -7.52
CA LEU B 38 -9.57 -28.97 -7.13
C LEU B 38 -8.35 -28.78 -8.02
N GLY B 39 -7.87 -27.55 -8.12
CA GLY B 39 -6.72 -27.21 -8.94
C GLY B 39 -5.75 -26.29 -8.22
N LYS B 40 -5.32 -25.24 -8.91
CA LYS B 40 -4.37 -24.28 -8.34
C LYS B 40 -4.90 -23.66 -7.05
N ILE B 41 -4.01 -23.06 -6.27
CA ILE B 41 -4.41 -22.19 -5.18
C ILE B 41 -4.45 -20.78 -5.75
N LEU B 42 -5.54 -20.07 -5.48
CA LEU B 42 -5.73 -18.73 -6.05
C LEU B 42 -5.30 -17.65 -5.08
N GLY B 43 -5.55 -17.85 -3.79
CA GLY B 43 -5.18 -16.88 -2.78
C GLY B 43 -5.37 -17.42 -1.37
N SER B 49 -7.92 -21.36 2.72
CA SER B 49 -7.28 -21.10 1.44
C SER B 49 -8.29 -21.19 0.30
N VAL B 50 -8.04 -20.44 -0.78
CA VAL B 50 -8.92 -20.44 -1.94
C VAL B 50 -8.30 -21.21 -3.10
N MET B 51 -9.01 -22.23 -3.58
CA MET B 51 -8.56 -23.07 -4.69
C MET B 51 -9.52 -23.01 -5.87
N GLU B 52 -8.99 -22.97 -7.09
CA GLU B 52 -9.80 -23.14 -8.28
C GLU B 52 -10.31 -24.58 -8.38
N GLY B 53 -11.39 -24.79 -9.13
CA GLY B 53 -11.88 -26.14 -9.33
C GLY B 53 -12.95 -26.28 -10.40
N ASN B 54 -13.33 -27.53 -10.68
CA ASN B 54 -14.41 -27.84 -11.61
C ASN B 54 -15.60 -28.48 -10.90
N LEU B 55 -16.78 -27.91 -11.10
CA LEU B 55 -18.02 -28.50 -10.62
C LEU B 55 -18.80 -29.09 -11.78
N LYS B 56 -19.07 -30.38 -11.72
CA LYS B 56 -19.85 -31.06 -12.75
C LYS B 56 -21.36 -30.84 -12.55
N SER B 62 -19.96 -28.88 -17.01
CA SER B 62 -18.92 -28.55 -16.04
C SER B 62 -18.79 -27.04 -15.88
N LEU B 63 -18.66 -26.60 -14.63
CA LEU B 63 -18.54 -25.19 -14.31
C LEU B 63 -17.25 -24.91 -13.55
N LYS B 64 -16.50 -23.91 -14.00
CA LYS B 64 -15.31 -23.49 -13.30
C LYS B 64 -15.70 -22.77 -12.02
N VAL B 65 -15.14 -23.18 -10.90
CA VAL B 65 -15.49 -22.61 -9.60
C VAL B 65 -14.28 -22.26 -8.75
N ALA B 66 -14.53 -21.55 -7.65
CA ALA B 66 -13.52 -21.25 -6.64
C ALA B 66 -13.99 -21.80 -5.31
N VAL B 67 -13.09 -22.43 -4.57
CA VAL B 67 -13.47 -23.13 -3.34
C VAL B 67 -12.77 -22.55 -2.10
N LYS B 68 -13.56 -21.95 -1.22
CA LYS B 68 -13.09 -21.51 0.08
C LYS B 68 -13.03 -22.67 1.06
N THR B 69 -11.96 -22.72 1.85
CA THR B 69 -11.76 -23.82 2.80
C THR B 69 -11.78 -23.29 4.23
N MET B 70 -12.88 -23.58 4.93
CA MET B 70 -13.07 -23.09 6.29
C MET B 70 -12.15 -23.81 7.26
N PHE B 83 -23.51 -21.16 10.06
CA PHE B 83 -22.79 -21.41 8.82
C PHE B 83 -23.61 -22.30 7.88
N LEU B 84 -23.92 -23.51 8.33
CA LEU B 84 -24.70 -24.45 7.53
C LEU B 84 -26.09 -23.92 7.27
N SER B 85 -26.63 -23.17 8.22
CA SER B 85 -27.91 -22.51 8.06
C SER B 85 -27.73 -21.20 7.30
N GLU B 86 -26.57 -20.58 7.49
CA GLU B 86 -26.25 -19.31 6.84
C GLU B 86 -25.98 -19.52 5.34
N ALA B 87 -25.37 -20.64 4.99
CA ALA B 87 -25.05 -20.94 3.61
C ALA B 87 -26.30 -21.29 2.82
N ALA B 88 -27.27 -21.92 3.49
CA ALA B 88 -28.54 -22.23 2.85
C ALA B 88 -29.30 -20.94 2.56
N CYS B 89 -29.05 -19.93 3.38
CA CYS B 89 -29.67 -18.62 3.21
C CYS B 89 -28.96 -17.84 2.10
N MET B 90 -27.71 -18.21 1.82
CA MET B 90 -26.92 -17.54 0.79
C MET B 90 -27.18 -18.14 -0.59
N LYS B 91 -27.45 -19.44 -0.63
CA LYS B 91 -27.73 -20.11 -1.89
C LYS B 91 -29.02 -19.55 -2.52
N ASP B 92 -29.89 -19.03 -1.67
CA ASP B 92 -31.15 -18.45 -2.09
C ASP B 92 -31.00 -17.04 -2.64
N PHE B 93 -29.82 -16.46 -2.50
CA PHE B 93 -29.58 -15.10 -3.00
C PHE B 93 -29.50 -15.10 -4.53
N SER B 94 -30.10 -14.07 -5.14
CA SER B 94 -30.13 -13.93 -6.58
C SER B 94 -30.16 -12.46 -6.97
N HIS B 95 -29.00 -11.94 -7.36
CA HIS B 95 -28.86 -10.54 -7.74
C HIS B 95 -27.58 -10.37 -8.54
N PRO B 96 -27.63 -9.62 -9.65
CA PRO B 96 -26.46 -9.52 -10.54
C PRO B 96 -25.22 -8.95 -9.84
N ASN B 97 -25.41 -8.11 -8.83
CA ASN B 97 -24.29 -7.52 -8.10
C ASN B 97 -23.96 -8.25 -6.80
N VAL B 98 -24.36 -9.52 -6.72
CA VAL B 98 -24.02 -10.36 -5.58
C VAL B 98 -23.55 -11.74 -6.04
N ILE B 99 -22.40 -12.17 -5.53
CA ILE B 99 -21.85 -13.45 -5.93
C ILE B 99 -22.83 -14.54 -5.48
N ARG B 100 -23.08 -15.51 -6.35
CA ARG B 100 -24.00 -16.59 -6.02
C ARG B 100 -23.25 -17.71 -5.31
N LEU B 101 -23.96 -18.45 -4.46
CA LEU B 101 -23.40 -19.62 -3.80
C LEU B 101 -23.97 -20.87 -4.46
N LEU B 102 -23.08 -21.74 -4.93
CA LEU B 102 -23.50 -22.95 -5.64
C LEU B 102 -23.76 -24.13 -4.71
N GLY B 103 -23.19 -24.08 -3.51
CA GLY B 103 -23.36 -25.15 -2.55
C GLY B 103 -22.17 -25.32 -1.64
N VAL B 104 -22.13 -26.45 -0.94
CA VAL B 104 -21.09 -26.76 0.03
C VAL B 104 -20.64 -28.21 -0.10
N CYS B 105 -19.37 -28.46 0.14
CA CYS B 105 -18.80 -29.81 0.11
C CYS B 105 -18.08 -30.14 1.41
N ILE B 106 -18.08 -31.43 1.75
CA ILE B 106 -17.47 -31.92 2.98
C ILE B 106 -16.41 -32.96 2.66
N LYS B 115 -14.93 -30.88 7.68
CA LYS B 115 -14.10 -29.99 6.89
C LYS B 115 -14.93 -29.36 5.77
N PRO B 116 -15.63 -28.25 6.07
CA PRO B 116 -16.52 -27.63 5.09
C PRO B 116 -15.79 -26.86 3.99
N MET B 117 -16.45 -26.72 2.84
CA MET B 117 -15.90 -26.01 1.70
C MET B 117 -17.02 -25.29 0.95
N VAL B 118 -16.85 -23.99 0.71
CA VAL B 118 -17.85 -23.19 0.02
C VAL B 118 -17.54 -23.07 -1.48
N ILE B 119 -18.46 -23.53 -2.31
CA ILE B 119 -18.30 -23.46 -3.76
C ILE B 119 -18.88 -22.16 -4.31
N LEU B 120 -18.04 -21.38 -4.97
CA LEU B 120 -18.46 -20.13 -5.58
C LEU B 120 -18.04 -20.12 -7.05
N PRO B 121 -18.65 -19.25 -7.87
CA PRO B 121 -18.26 -19.19 -9.29
C PRO B 121 -16.84 -18.67 -9.46
N PHE B 122 -16.19 -19.09 -10.54
CA PHE B 122 -14.88 -18.55 -10.90
C PHE B 122 -15.07 -17.32 -11.76
N MET B 123 -14.24 -16.31 -11.52
CA MET B 123 -14.32 -15.04 -12.25
C MET B 123 -12.94 -14.59 -12.70
N LYS B 124 -12.67 -14.84 -13.98
CA LYS B 124 -11.34 -14.68 -14.55
C LYS B 124 -10.73 -13.29 -14.40
N TYR B 125 -11.58 -12.26 -14.32
CA TYR B 125 -11.09 -10.89 -14.16
C TYR B 125 -10.71 -10.60 -12.70
N GLY B 126 -11.08 -11.51 -11.81
CA GLY B 126 -10.62 -11.49 -10.43
C GLY B 126 -11.11 -10.34 -9.59
N ASP B 127 -10.52 -10.22 -8.39
CA ASP B 127 -10.90 -9.19 -7.43
C ASP B 127 -10.64 -7.79 -7.97
N LEU B 128 -11.41 -6.82 -7.47
CA LEU B 128 -11.36 -5.46 -7.99
C LEU B 128 -10.13 -4.72 -7.49
N HIS B 129 -9.60 -5.11 -6.33
CA HIS B 129 -8.44 -4.43 -5.77
C HIS B 129 -7.24 -4.56 -6.69
N THR B 130 -6.92 -5.79 -7.08
CA THR B 130 -5.75 -6.04 -7.93
C THR B 130 -5.97 -5.44 -9.31
N TYR B 131 -7.24 -5.32 -9.71
CA TYR B 131 -7.59 -4.76 -11.01
C TYR B 131 -7.29 -3.27 -11.03
N LEU B 132 -7.55 -2.59 -9.92
CA LEU B 132 -7.28 -1.17 -9.80
C LEU B 132 -5.79 -0.87 -9.90
N LEU B 133 -4.97 -1.74 -9.31
CA LEU B 133 -3.53 -1.58 -9.36
C LEU B 133 -3.01 -1.84 -10.77
N TYR B 134 -3.55 -2.86 -11.42
CA TYR B 134 -3.20 -3.19 -12.79
C TYR B 134 -3.51 -2.04 -13.75
N SER B 135 -4.60 -1.33 -13.48
CA SER B 135 -5.08 -0.28 -14.38
C SER B 135 -4.06 0.84 -14.51
N ARG B 136 -3.20 0.97 -13.50
CA ARG B 136 -2.19 2.03 -13.46
C ARG B 136 -0.89 1.57 -14.12
N LEU B 137 -0.99 0.57 -14.98
CA LEU B 137 0.15 0.05 -15.74
C LEU B 137 -0.22 -0.01 -17.22
N GLU B 138 0.78 0.03 -18.08
CA GLU B 138 0.55 -0.06 -19.53
C GLU B 138 -0.02 -1.40 -19.95
N THR B 139 0.69 -2.48 -19.61
CA THR B 139 0.27 -3.82 -19.99
C THR B 139 -1.11 -4.14 -19.44
N GLY B 140 -1.36 -3.72 -18.19
CA GLY B 140 -2.66 -3.91 -17.58
C GLY B 140 -3.73 -3.04 -18.22
N PRO B 141 -4.98 -3.20 -17.75
CA PRO B 141 -6.15 -2.48 -18.29
C PRO B 141 -5.94 -0.99 -18.45
N LYS B 142 -6.63 -0.37 -19.40
CA LYS B 142 -6.49 1.05 -19.66
C LYS B 142 -6.89 1.87 -18.44
N HIS B 143 -6.38 3.10 -18.38
CA HIS B 143 -6.72 4.04 -17.33
C HIS B 143 -8.24 4.09 -17.14
N ILE B 144 -8.70 3.71 -15.95
CA ILE B 144 -10.13 3.65 -15.67
C ILE B 144 -10.67 5.07 -15.51
N PRO B 145 -11.61 5.48 -16.38
CA PRO B 145 -12.17 6.83 -16.23
C PRO B 145 -13.00 6.96 -14.96
N LEU B 146 -13.39 8.19 -14.62
CA LEU B 146 -14.16 8.46 -13.41
C LEU B 146 -15.52 7.77 -13.45
N GLN B 147 -16.13 7.74 -14.63
CA GLN B 147 -17.48 7.21 -14.77
C GLN B 147 -17.50 5.71 -14.46
N THR B 148 -16.50 5.01 -14.98
CA THR B 148 -16.38 3.58 -14.75
C THR B 148 -16.12 3.29 -13.27
N LEU B 149 -15.32 4.15 -12.65
CA LEU B 149 -15.02 4.01 -11.22
C LEU B 149 -16.28 4.13 -10.39
N LEU B 150 -17.17 5.04 -10.78
CA LEU B 150 -18.45 5.20 -10.09
C LEU B 150 -19.35 3.99 -10.34
N LYS B 151 -19.30 3.45 -11.55
CA LYS B 151 -20.12 2.29 -11.89
C LYS B 151 -19.78 1.11 -11.00
N PHE B 152 -18.51 0.99 -10.61
CA PHE B 152 -18.09 -0.02 -9.65
C PHE B 152 -18.76 0.25 -8.31
N MET B 153 -18.70 1.49 -7.85
CA MET B 153 -19.31 1.88 -6.58
C MET B 153 -20.81 1.62 -6.59
N VAL B 154 -21.48 1.97 -7.69
CA VAL B 154 -22.91 1.75 -7.82
C VAL B 154 -23.23 0.26 -7.76
N ASP B 155 -22.46 -0.54 -8.48
CA ASP B 155 -22.64 -1.99 -8.48
C ASP B 155 -22.60 -2.54 -7.07
N ILE B 156 -21.57 -2.16 -6.32
CA ILE B 156 -21.42 -2.61 -4.93
C ILE B 156 -22.58 -2.13 -4.08
N ALA B 157 -22.97 -0.87 -4.27
CA ALA B 157 -24.10 -0.29 -3.54
C ALA B 157 -25.38 -1.07 -3.82
N LEU B 158 -25.61 -1.39 -5.09
CA LEU B 158 -26.77 -2.19 -5.49
C LEU B 158 -26.71 -3.56 -4.84
N GLY B 159 -25.50 -4.12 -4.75
CA GLY B 159 -25.30 -5.42 -4.16
C GLY B 159 -25.53 -5.38 -2.66
N MET B 160 -25.09 -4.30 -2.01
CA MET B 160 -25.27 -4.15 -0.58
C MET B 160 -26.71 -3.80 -0.23
N GLU B 161 -27.37 -3.08 -1.14
CA GLU B 161 -28.78 -2.76 -0.95
C GLU B 161 -29.61 -4.04 -0.89
N TYR B 162 -29.24 -5.00 -1.73
CA TYR B 162 -29.94 -6.29 -1.78
C TYR B 162 -29.81 -7.04 -0.46
N LEU B 163 -28.57 -7.21 0.00
CA LEU B 163 -28.30 -7.97 1.21
C LEU B 163 -28.86 -7.27 2.45
N SER B 164 -28.96 -5.96 2.39
CA SER B 164 -29.41 -5.17 3.53
C SER B 164 -30.93 -5.25 3.69
N ASN B 165 -31.62 -5.47 2.57
CA ASN B 165 -33.07 -5.67 2.61
C ASN B 165 -33.40 -7.01 3.27
N ARG B 166 -32.50 -7.97 3.10
CA ARG B 166 -32.62 -9.27 3.74
C ARG B 166 -31.96 -9.27 5.12
N ASN B 167 -31.54 -8.09 5.57
CA ASN B 167 -30.89 -7.94 6.88
C ASN B 167 -29.69 -8.87 7.01
N PHE B 168 -28.92 -8.97 5.93
CA PHE B 168 -27.71 -9.78 5.89
C PHE B 168 -26.48 -8.87 5.99
N LEU B 169 -25.59 -9.17 6.94
CA LEU B 169 -24.39 -8.37 7.15
C LEU B 169 -23.19 -8.94 6.39
N HIS B 170 -22.44 -8.05 5.73
CA HIS B 170 -21.27 -8.46 4.97
C HIS B 170 -20.10 -8.74 5.91
N ARG B 171 -19.84 -7.80 6.81
CA ARG B 171 -18.85 -7.95 7.88
C ARG B 171 -17.41 -8.04 7.40
N ASP B 172 -17.18 -7.75 6.11
CA ASP B 172 -15.82 -7.81 5.58
C ASP B 172 -15.73 -7.14 4.21
N LEU B 173 -16.41 -6.01 4.05
CA LEU B 173 -16.43 -5.31 2.78
C LEU B 173 -15.12 -4.58 2.52
N ALA B 174 -14.52 -4.85 1.37
CA ALA B 174 -13.31 -4.17 0.92
C ALA B 174 -13.11 -4.44 -0.56
N ALA B 175 -12.35 -3.58 -1.24
CA ALA B 175 -12.16 -3.70 -2.67
C ALA B 175 -11.60 -5.07 -3.07
N ARG B 176 -10.89 -5.70 -2.15
CA ARG B 176 -10.32 -7.02 -2.38
C ARG B 176 -11.39 -8.11 -2.41
N ASN B 177 -12.51 -7.84 -1.76
CA ASN B 177 -13.60 -8.81 -1.66
C ASN B 177 -14.72 -8.54 -2.67
N CYS B 178 -14.42 -7.70 -3.66
CA CYS B 178 -15.36 -7.43 -4.74
C CYS B 178 -14.83 -8.01 -6.05
N MET B 179 -15.63 -8.87 -6.66
CA MET B 179 -15.21 -9.60 -7.85
C MET B 179 -15.77 -8.97 -9.11
N LEU B 180 -15.04 -9.09 -10.21
CA LEU B 180 -15.49 -8.61 -11.51
C LEU B 180 -16.02 -9.76 -12.36
N ARG B 181 -17.31 -9.73 -12.65
CA ARG B 181 -17.90 -10.72 -13.53
C ARG B 181 -17.38 -10.53 -14.95
N ASP B 182 -17.72 -11.46 -15.83
CA ASP B 182 -17.23 -11.43 -17.20
C ASP B 182 -17.78 -10.22 -17.97
N ASP B 183 -18.84 -9.61 -17.45
CA ASP B 183 -19.42 -8.42 -18.07
C ASP B 183 -18.86 -7.14 -17.45
N MET B 184 -17.77 -7.27 -16.70
CA MET B 184 -17.09 -6.16 -16.04
C MET B 184 -18.02 -5.40 -15.07
N THR B 185 -19.03 -6.08 -14.55
CA THR B 185 -19.83 -5.54 -13.47
C THR B 185 -19.29 -6.10 -12.16
N VAL B 186 -19.41 -5.32 -11.08
CA VAL B 186 -18.87 -5.73 -9.80
C VAL B 186 -19.95 -6.45 -9.00
N CYS B 187 -19.53 -7.45 -8.22
CA CYS B 187 -20.41 -8.14 -7.30
C CYS B 187 -19.70 -8.31 -5.97
N VAL B 188 -20.46 -8.23 -4.89
CA VAL B 188 -19.90 -8.39 -3.55
C VAL B 188 -19.68 -9.86 -3.26
N ALA B 189 -18.67 -10.16 -2.44
CA ALA B 189 -18.35 -11.54 -2.11
C ALA B 189 -17.63 -11.64 -0.76
N ASP B 190 -17.34 -12.88 -0.37
CA ASP B 190 -16.61 -13.18 0.86
C ASP B 190 -17.33 -12.64 2.11
N PHE B 191 -18.55 -13.12 2.32
CA PHE B 191 -19.29 -12.84 3.55
C PHE B 191 -19.67 -14.15 4.25
N GLY B 192 -18.92 -14.51 5.27
CA GLY B 192 -19.17 -15.72 6.02
C GLY B 192 -18.79 -16.97 5.25
N PRO B 212 -7.35 -5.74 8.41
CA PRO B 212 -8.79 -5.47 8.24
C PRO B 212 -9.28 -4.31 9.10
N VAL B 213 -8.41 -3.81 9.99
CA VAL B 213 -8.80 -2.82 10.97
C VAL B 213 -9.23 -1.50 10.32
N LYS B 214 -8.58 -1.13 9.23
CA LYS B 214 -8.81 0.17 8.60
C LYS B 214 -10.10 0.20 7.78
N TRP B 215 -10.90 -0.86 7.87
CA TRP B 215 -12.20 -0.92 7.22
C TRP B 215 -13.33 -0.97 8.24
N ILE B 216 -12.98 -1.34 9.47
CA ILE B 216 -13.97 -1.49 10.54
C ILE B 216 -14.42 -0.13 11.08
N ALA B 217 -15.71 -0.04 11.40
CA ALA B 217 -16.30 1.20 11.91
C ALA B 217 -15.90 1.46 13.35
N ILE B 218 -15.82 2.74 13.71
CA ILE B 218 -15.33 3.14 15.02
C ILE B 218 -16.13 2.52 16.17
N GLU B 219 -17.45 2.37 15.99
CA GLU B 219 -18.27 1.79 17.03
C GLU B 219 -17.98 0.29 17.15
N SER B 220 -17.56 -0.31 16.05
CA SER B 220 -17.27 -1.75 16.01
C SER B 220 -15.86 -2.05 16.53
N LEU B 221 -15.07 -1.00 16.73
CA LEU B 221 -13.74 -1.15 17.31
C LEU B 221 -13.84 -1.16 18.83
N ALA B 222 -14.64 -0.23 19.36
CA ALA B 222 -14.87 -0.16 20.79
C ALA B 222 -15.68 -1.36 21.27
N ASP B 223 -17.00 -1.29 21.06
CA ASP B 223 -17.88 -2.39 21.41
C ASP B 223 -17.90 -3.42 20.28
N ARG B 224 -17.92 -4.69 20.65
CA ARG B 224 -17.97 -5.77 19.66
C ARG B 224 -19.38 -5.86 19.07
N VAL B 225 -19.81 -4.78 18.43
CA VAL B 225 -21.13 -4.71 17.81
C VAL B 225 -21.01 -4.39 16.32
N TYR B 226 -21.88 -5.02 15.53
CA TYR B 226 -21.87 -4.80 14.08
C TYR B 226 -23.30 -4.67 13.56
N THR B 227 -23.52 -3.66 12.72
CA THR B 227 -24.83 -3.41 12.14
C THR B 227 -24.68 -3.12 10.64
N SER B 228 -25.78 -2.76 9.99
CA SER B 228 -25.73 -2.43 8.57
C SER B 228 -24.95 -1.15 8.35
N LYS B 229 -25.00 -0.26 9.33
CA LYS B 229 -24.30 1.01 9.24
C LYS B 229 -22.79 0.83 9.37
N SER B 230 -22.37 -0.31 9.91
CA SER B 230 -20.95 -0.64 9.98
C SER B 230 -20.46 -1.12 8.61
N ASP B 231 -21.34 -1.79 7.87
CA ASP B 231 -21.05 -2.17 6.49
C ASP B 231 -20.93 -0.92 5.63
N VAL B 232 -21.69 0.12 5.97
CA VAL B 232 -21.64 1.38 5.25
C VAL B 232 -20.29 2.06 5.46
N TRP B 233 -19.74 1.92 6.66
CA TRP B 233 -18.42 2.47 6.96
C TRP B 233 -17.38 1.82 6.05
N ALA B 234 -17.44 0.49 5.94
CA ALA B 234 -16.51 -0.26 5.10
C ALA B 234 -16.71 0.10 3.63
N PHE B 235 -17.97 0.29 3.24
CA PHE B 235 -18.28 0.69 1.88
C PHE B 235 -17.65 2.05 1.57
N GLY B 236 -17.71 2.95 2.55
CA GLY B 236 -17.09 4.25 2.42
C GLY B 236 -15.61 4.12 2.15
N VAL B 237 -14.94 3.29 2.93
CA VAL B 237 -13.52 3.02 2.72
C VAL B 237 -13.30 2.44 1.34
N THR B 238 -14.17 1.50 0.95
CA THR B 238 -14.06 0.86 -0.36
C THR B 238 -14.18 1.88 -1.48
N MET B 239 -15.05 2.87 -1.31
CA MET B 239 -15.17 3.95 -2.28
C MET B 239 -13.85 4.71 -2.37
N TRP B 240 -13.18 4.84 -1.24
CA TRP B 240 -11.91 5.55 -1.18
C TRP B 240 -10.84 4.75 -1.93
N GLU B 241 -10.85 3.42 -1.73
CA GLU B 241 -9.94 2.53 -2.44
C GLU B 241 -10.05 2.71 -3.95
N ILE B 242 -11.29 2.78 -4.43
CA ILE B 242 -11.55 2.90 -5.86
C ILE B 242 -11.13 4.27 -6.37
N ALA B 243 -11.48 5.32 -5.63
CA ALA B 243 -11.20 6.69 -6.04
C ALA B 243 -9.69 6.96 -6.05
N THR B 244 -8.94 6.19 -5.27
CA THR B 244 -7.48 6.30 -5.24
C THR B 244 -6.82 5.28 -6.16
N ARG B 245 -7.64 4.41 -6.76
CA ARG B 245 -7.15 3.35 -7.65
C ARG B 245 -6.18 2.41 -6.92
N GLY B 246 -6.53 2.03 -5.70
CA GLY B 246 -5.85 0.95 -5.01
C GLY B 246 -4.93 1.33 -3.85
N MET B 247 -5.06 2.54 -3.34
CA MET B 247 -4.27 2.93 -2.17
C MET B 247 -4.76 2.22 -0.92
N THR B 248 -3.85 2.01 0.03
CA THR B 248 -4.23 1.49 1.33
C THR B 248 -4.85 2.63 2.13
N PRO B 249 -5.89 2.34 2.92
CA PRO B 249 -6.48 3.41 3.74
C PRO B 249 -5.50 3.99 4.77
N TYR B 250 -5.67 5.28 5.06
CA TYR B 250 -4.92 5.96 6.10
C TYR B 250 -3.40 5.82 5.95
N PRO B 251 -2.85 6.37 4.86
CA PRO B 251 -1.39 6.42 4.71
C PRO B 251 -0.74 7.27 5.81
N GLY B 252 0.35 6.75 6.38
CA GLY B 252 1.02 7.43 7.48
C GLY B 252 0.54 6.91 8.82
N VAL B 253 -0.70 6.42 8.86
CA VAL B 253 -1.29 5.88 10.07
C VAL B 253 -1.16 4.36 10.08
N GLN B 254 -0.84 3.81 11.25
CA GLN B 254 -0.66 2.37 11.41
C GLN B 254 -1.85 1.75 12.15
N ASN B 255 -2.04 0.45 11.96
CA ASN B 255 -3.22 -0.26 12.46
C ASN B 255 -3.52 -0.04 13.95
N HIS B 256 -2.48 0.09 14.76
CA HIS B 256 -2.65 0.20 16.20
C HIS B 256 -3.04 1.61 16.66
N GLU B 257 -2.96 2.58 15.74
CA GLU B 257 -3.29 3.96 16.07
C GLU B 257 -4.70 4.35 15.61
N MET B 258 -5.39 3.43 14.95
CA MET B 258 -6.64 3.74 14.27
C MET B 258 -7.74 4.23 15.21
N TYR B 259 -7.87 3.59 16.37
CA TYR B 259 -8.93 3.93 17.32
C TYR B 259 -8.82 5.40 17.75
N ASP B 260 -7.66 5.78 18.29
CA ASP B 260 -7.42 7.17 18.69
C ASP B 260 -7.55 8.11 17.51
N TYR B 261 -7.00 7.70 16.36
CA TYR B 261 -7.02 8.51 15.16
C TYR B 261 -8.46 8.86 14.78
N LEU B 262 -9.33 7.85 14.77
CA LEU B 262 -10.74 8.04 14.45
C LEU B 262 -11.46 8.80 15.56
N LEU B 263 -11.16 8.44 16.81
CA LEU B 263 -11.83 9.02 17.96
C LEU B 263 -11.61 10.53 18.04
N HIS B 264 -10.42 10.97 17.64
CA HIS B 264 -10.09 12.40 17.63
C HIS B 264 -10.68 13.11 16.41
N GLY B 265 -11.53 12.41 15.66
CA GLY B 265 -12.30 13.04 14.59
C GLY B 265 -11.71 12.92 13.21
N HIS B 266 -10.50 12.37 13.10
CA HIS B 266 -9.83 12.25 11.82
C HIS B 266 -10.47 11.16 10.95
N ARG B 267 -10.60 11.45 9.66
CA ARG B 267 -11.15 10.49 8.71
C ARG B 267 -10.25 10.40 7.47
N LEU B 268 -10.61 9.52 6.54
CA LEU B 268 -9.85 9.38 5.29
C LEU B 268 -9.85 10.70 4.53
N LYS B 269 -8.67 11.09 4.06
CA LYS B 269 -8.51 12.36 3.37
C LYS B 269 -9.03 12.27 1.94
N GLN B 270 -9.38 13.42 1.38
CA GLN B 270 -9.93 13.48 0.02
C GLN B 270 -8.82 13.29 -1.01
N PRO B 271 -9.02 12.38 -1.97
CA PRO B 271 -8.00 12.20 -3.03
C PRO B 271 -7.77 13.45 -3.84
N GLU B 272 -6.62 13.51 -4.54
CA GLU B 272 -6.20 14.70 -5.26
C GLU B 272 -7.28 15.19 -6.24
N ASP B 273 -7.63 14.37 -7.22
CA ASP B 273 -8.52 14.78 -8.29
C ASP B 273 -9.96 14.29 -8.08
N CYS B 274 -10.26 13.83 -6.87
CA CYS B 274 -11.59 13.33 -6.56
C CYS B 274 -12.57 14.49 -6.42
N LEU B 275 -13.84 14.24 -6.75
CA LEU B 275 -14.86 15.28 -6.74
C LEU B 275 -15.36 15.53 -5.32
N ASP B 276 -15.63 16.81 -5.03
CA ASP B 276 -16.12 17.21 -3.73
C ASP B 276 -17.41 16.49 -3.36
N GLU B 277 -18.27 16.28 -4.35
CA GLU B 277 -19.57 15.68 -4.11
C GLU B 277 -19.46 14.16 -4.01
N LEU B 278 -18.33 13.61 -4.43
CA LEU B 278 -18.08 12.18 -4.27
C LEU B 278 -17.45 11.92 -2.90
N TYR B 279 -16.73 12.91 -2.39
CA TYR B 279 -16.10 12.78 -1.09
C TYR B 279 -17.12 12.96 0.02
N GLU B 280 -18.09 13.84 -0.20
CA GLU B 280 -19.18 14.05 0.74
C GLU B 280 -19.94 12.75 0.99
N ILE B 281 -20.17 11.99 -0.08
CA ILE B 281 -20.89 10.73 0.02
C ILE B 281 -20.11 9.72 0.85
N MET B 282 -18.80 9.61 0.59
CA MET B 282 -18.00 8.63 1.30
C MET B 282 -17.66 9.15 2.70
N TYR B 283 -17.71 10.47 2.88
CA TYR B 283 -17.50 11.04 4.20
C TYR B 283 -18.72 10.79 5.09
N SER B 284 -19.90 10.90 4.49
CA SER B 284 -21.15 10.64 5.21
C SER B 284 -21.20 9.20 5.72
N CYS B 285 -20.36 8.34 5.15
CA CYS B 285 -20.30 6.94 5.57
C CYS B 285 -19.49 6.76 6.85
N TRP B 286 -18.75 7.79 7.24
CA TRP B 286 -17.89 7.71 8.43
C TRP B 286 -18.28 8.70 9.54
N ARG B 287 -19.54 9.08 9.58
CA ARG B 287 -20.02 9.92 10.67
C ARG B 287 -19.99 9.11 11.97
N THR B 288 -19.64 9.79 13.05
CA THR B 288 -19.41 9.12 14.34
C THR B 288 -20.62 8.34 14.79
N ASP B 289 -21.79 8.93 14.62
CA ASP B 289 -23.05 8.29 14.95
C ASP B 289 -23.46 7.35 13.82
N PRO B 290 -23.58 6.04 14.09
CA PRO B 290 -24.02 5.12 13.04
C PRO B 290 -25.36 5.51 12.42
N LEU B 291 -26.25 6.05 13.25
CA LEU B 291 -27.57 6.45 12.80
C LEU B 291 -27.54 7.69 11.90
N ASP B 292 -26.43 8.43 11.94
CA ASP B 292 -26.27 9.61 11.10
C ASP B 292 -25.80 9.23 9.69
N ARG B 293 -25.36 7.98 9.54
CA ARG B 293 -24.89 7.51 8.24
C ARG B 293 -26.07 7.11 7.35
N PRO B 294 -25.92 7.25 6.03
CA PRO B 294 -27.00 6.87 5.12
C PRO B 294 -27.09 5.36 4.91
N THR B 295 -28.27 4.88 4.57
CA THR B 295 -28.46 3.47 4.26
C THR B 295 -27.87 3.20 2.87
N PHE B 296 -27.71 1.92 2.53
CA PHE B 296 -27.19 1.56 1.22
C PHE B 296 -28.16 1.96 0.12
N SER B 297 -29.44 2.05 0.45
CA SER B 297 -30.45 2.45 -0.51
C SER B 297 -30.30 3.92 -0.87
N VAL B 298 -29.97 4.73 0.13
CA VAL B 298 -29.73 6.15 -0.08
C VAL B 298 -28.45 6.36 -0.88
N LEU B 299 -27.43 5.57 -0.55
CA LEU B 299 -26.13 5.69 -1.19
C LEU B 299 -26.20 5.30 -2.66
N ARG B 300 -26.95 4.24 -2.95
CA ARG B 300 -27.06 3.75 -4.31
C ARG B 300 -27.67 4.79 -5.23
N LEU B 301 -28.68 5.50 -4.74
CA LEU B 301 -29.39 6.48 -5.54
C LEU B 301 -28.56 7.75 -5.71
N GLN B 302 -27.80 8.12 -4.68
CA GLN B 302 -26.90 9.27 -4.75
C GLN B 302 -25.84 9.05 -5.82
N LEU B 303 -25.28 7.84 -5.86
CA LEU B 303 -24.23 7.50 -6.81
C LEU B 303 -24.77 7.33 -8.22
N GLU B 304 -25.98 6.80 -8.35
CA GLU B 304 -26.60 6.64 -9.67
C GLU B 304 -26.91 7.99 -10.32
N LYS B 305 -27.29 8.96 -9.51
CA LYS B 305 -27.66 10.28 -10.02
C LYS B 305 -26.43 11.12 -10.31
N LEU B 306 -25.38 10.92 -9.53
CA LEU B 306 -24.11 11.60 -9.77
C LEU B 306 -23.47 11.08 -11.06
N LEU B 307 -23.67 9.79 -11.32
CA LEU B 307 -23.11 9.14 -12.50
C LEU B 307 -23.79 9.63 -13.77
N GLU B 308 -25.08 9.97 -13.67
CA GLU B 308 -25.85 10.43 -14.81
C GLU B 308 -25.46 11.86 -15.20
N SER B 309 -24.88 12.60 -14.25
CA SER B 309 -24.52 13.99 -14.46
C SER B 309 -23.10 14.14 -15.02
N LEU B 310 -22.60 13.10 -15.67
CA LEU B 310 -21.26 13.12 -16.26
C LEU B 310 -21.32 12.92 -17.77
CL CL C . 4.55 -5.15 -11.76
CL CL D . 15.43 13.44 27.85
CL CL E . 4.58 15.73 4.13
CL CL F . 21.27 14.36 6.66
MG MG G . 13.43 2.43 7.62
C01 24K H . 15.97 7.52 8.33
C02 24K H . 15.40 8.15 9.59
C03 24K H . 16.25 9.32 10.10
C04 24K H . 15.54 10.10 11.24
N05 24K H . 15.04 11.39 10.78
C06 24K H . 13.61 11.64 10.76
N07 24K H . 13.09 12.88 10.78
C08 24K H . 11.73 13.04 10.75
C09 24K H . 10.88 11.93 10.69
C10 24K H . 11.47 10.65 10.64
N11 24K H . 10.73 9.41 10.57
C12 24K H . 11.41 8.14 10.68
C13 24K H . 11.62 7.63 9.27
C14 24K H . 12.11 6.19 9.23
C15 24K H . 11.24 5.28 10.07
O16 24K H . 11.83 3.99 10.08
C17 24K H . 11.10 5.78 11.49
C18 24K H . 10.58 7.21 11.53
N19 24K H . 12.81 10.57 10.68
C20 24K H . 9.47 12.09 10.63
C21 24K H . 8.93 13.18 9.94
C22 24K H . 7.54 13.32 9.88
C23 24K H . 6.73 12.39 10.50
C24 24K H . 7.30 11.32 11.18
N25 24K H . 8.64 11.20 11.23
H013 24K H . 16.94 7.46 8.40
H012 24K H . 15.74 8.08 7.55
H011 24K H . 15.59 6.63 8.20
H021 24K H . 15.36 7.47 10.29
H022 24K H . 14.49 8.47 9.41
H032 24K H . 17.10 8.97 10.45
H031 24K H . 16.43 9.93 9.37
H042 24K H . 16.17 10.23 11.99
H041 24K H . 14.77 9.56 11.55
H051 24K H . 15.63 12.03 10.51
H081 24K H . 11.35 13.94 10.77
H111 24K H . 9.82 9.43 10.45
H121 24K H . 12.28 8.27 11.10
H131 24K H . 12.27 8.19 8.81
H132 24K H . 10.76 7.68 8.78
H142 24K H . 12.09 5.88 8.30
H141 24K H . 13.01 6.17 9.56
H151 24K H . 10.34 5.22 9.66
H161 24K H . 12.08 3.77 9.25
H172 24K H . 11.97 5.75 11.93
H171 24K H . 10.48 5.21 11.96
H181 24K H . 9.67 7.20 11.18
H182 24K H . 10.64 7.52 12.46
H211 24K H . 9.52 13.82 9.51
H221 24K H . 7.15 14.07 9.41
H231 24K H . 5.76 12.49 10.47
H241 24K H . 6.74 10.65 11.63
CL CL I . -6.12 9.45 4.36
CL CL J . -1.15 2.16 -4.18
CL CL K . -7.20 -8.69 -15.13
C01 24K L . -13.22 -15.72 -2.37
C02 24K L . -14.52 -15.40 -3.11
C03 24K L . -14.33 -15.20 -4.62
C04 24K L . -14.85 -16.42 -5.41
N05 24K L . -14.53 -16.39 -6.84
C06 24K L . -13.20 -16.12 -7.36
N07 24K L . -13.08 -15.86 -8.68
C08 24K L . -11.87 -15.61 -9.23
C09 24K L . -10.71 -15.59 -8.43
C10 24K L . -10.87 -15.84 -7.06
N11 24K L . -9.75 -15.87 -6.16
C12 24K L . -9.36 -14.72 -5.36
C13 24K L . -8.46 -15.25 -4.26
C14 24K L . -8.14 -14.20 -3.22
C15 24K L . -9.40 -13.61 -2.65
O16 24K L . -9.06 -12.60 -1.71
C17 24K L . -10.27 -13.01 -3.73
C18 24K L . -10.60 -14.02 -4.82
N19 24K L . -12.10 -16.11 -6.57
C20 24K L . -9.46 -15.31 -9.04
C21 24K L . -9.41 -14.53 -10.21
C22 24K L . -8.17 -14.26 -10.81
C23 24K L . -7.01 -14.76 -10.24
C24 24K L . -7.10 -15.53 -9.07
N25 24K L . -8.31 -15.79 -8.53
H013 24K L . -13.34 -15.54 -1.42
H012 24K L . -12.50 -15.17 -2.74
H011 24K L . -13.01 -16.67 -2.51
H021 24K L . -14.91 -14.59 -2.73
H022 24K L . -15.14 -16.14 -2.97
H032 24K L . -14.81 -14.39 -4.90
H031 24K L . -13.39 -15.08 -4.81
H042 24K L . -15.83 -16.44 -5.32
H041 24K L . -14.48 -17.23 -5.02
H051 24K L . -15.20 -16.57 -7.42
H081 24K L . -11.80 -15.42 -10.19
H111 24K L . -9.25 -16.63 -6.07
H121 24K L . -8.87 -14.10 -5.92
H131 24K L . -7.62 -15.55 -4.66
H132 24K L . -8.89 -16.00 -3.83
H142 24K L . -7.62 -14.62 -2.50
H141 24K L . -7.61 -13.49 -3.63
H151 24K L . -9.90 -14.31 -2.19
H161 24K L . -8.59 -12.97 -1.03
H172 24K L . -9.79 -12.26 -4.13
H171 24K L . -11.10 -12.70 -3.33
H181 24K L . -11.17 -14.70 -4.43
H182 24K L . -11.01 -13.53 -5.56
H211 24K L . -10.22 -14.18 -10.59
H221 24K L . -8.13 -13.72 -11.61
H231 24K L . -6.15 -14.59 -10.65
H241 24K L . -6.28 -15.90 -8.67
#